data_3ESL
#
_entry.id   3ESL
#
_cell.length_a   130.304
_cell.length_b   59.784
_cell.length_c   71.299
_cell.angle_alpha   90.00
_cell.angle_beta   97.96
_cell.angle_gamma   90.00
#
_symmetry.space_group_name_H-M   'C 1 2 1'
#
loop_
_entity.id
_entity.type
_entity.pdbx_description
1 polymer 'Checkpoint serine/threonine-protein kinase BUB1'
2 non-polymer '2-[N-CYCLOHEXYLAMINO]ETHANE SULFONIC ACID'
3 water water
#
_entity_poly.entity_id   1
_entity_poly.type   'polypeptide(L)'
_entity_poly.pdbx_seq_one_letter_code
;QKEQHSQLNQTKIAYEQRLLNDLEDMDDPLDLFLDYMIWISTSYIEVDSESGQEVLRSTMERCLIYIQDMETYRNDPRFL
KIWIWYINLFLSNNFHESENTFKYMFNKGIGTKLSLFYEEFSKLLENAQFFLEAKVLLELGAENNCRPYNRLLRSLSNYE
DRLREMNIVENQNSVPDSRERLKGRLIYRTAPFFIRKFLTSS
;
_entity_poly.pdbx_strand_id   A,B
#
# COMPACT_ATOMS: atom_id res chain seq x y z
N GLU A 3 -24.91 -16.00 -24.14
CA GLU A 3 -24.18 -16.90 -23.18
C GLU A 3 -23.03 -16.20 -22.47
N GLN A 4 -22.20 -15.49 -23.26
CA GLN A 4 -21.06 -14.74 -22.74
C GLN A 4 -21.52 -13.45 -22.06
N HIS A 5 -22.43 -12.73 -22.72
CA HIS A 5 -22.96 -11.46 -22.23
C HIS A 5 -23.64 -11.61 -20.87
N SER A 6 -24.39 -12.71 -20.70
CA SER A 6 -25.12 -13.02 -19.47
C SER A 6 -24.18 -13.31 -18.29
N GLN A 7 -23.15 -14.11 -18.55
CA GLN A 7 -22.13 -14.42 -17.57
C GLN A 7 -21.40 -13.14 -17.15
N LEU A 8 -21.10 -12.29 -18.13
CA LEU A 8 -20.42 -11.02 -17.85
C LEU A 8 -21.30 -10.10 -17.00
N ASN A 9 -22.60 -10.07 -17.31
CA ASN A 9 -23.50 -9.26 -16.48
C ASN A 9 -23.67 -9.73 -15.04
N GLN A 10 -23.63 -11.05 -14.85
CA GLN A 10 -23.70 -11.59 -13.49
C GLN A 10 -22.44 -11.18 -12.73
N THR A 11 -21.30 -11.20 -13.41
CA THR A 11 -20.03 -10.86 -12.80
C THR A 11 -20.04 -9.39 -12.35
N LYS A 12 -20.59 -8.52 -13.21
CA LYS A 12 -20.74 -7.11 -12.89
C LYS A 12 -21.58 -6.92 -11.63
N ILE A 13 -22.72 -7.60 -11.57
CA ILE A 13 -23.57 -7.48 -10.40
C ILE A 13 -22.91 -8.07 -9.15
N ALA A 14 -22.19 -9.18 -9.31
CA ALA A 14 -21.45 -9.79 -8.21
C ALA A 14 -20.45 -8.77 -7.61
N TYR A 15 -19.70 -8.08 -8.47
CA TYR A 15 -18.76 -7.06 -7.99
C TYR A 15 -19.48 -5.89 -7.32
N GLU A 16 -20.59 -5.46 -7.90
CA GLU A 16 -21.34 -4.34 -7.34
C GLU A 16 -21.84 -4.67 -5.94
N GLN A 17 -22.31 -5.91 -5.76
CA GLN A 17 -22.74 -6.37 -4.44
C GLN A 17 -21.61 -6.42 -3.44
N ARG A 18 -20.44 -6.88 -3.88
CA ARG A 18 -19.25 -6.92 -3.03
C ARG A 18 -18.83 -5.53 -2.56
N LEU A 19 -18.95 -4.53 -3.44
CA LEU A 19 -18.65 -3.15 -3.06
C LEU A 19 -19.60 -2.70 -1.94
N LEU A 20 -20.86 -3.10 -2.03
CA LEU A 20 -21.82 -2.74 -1.00
C LEU A 20 -21.66 -3.53 0.30
N ASN A 21 -21.31 -4.81 0.19
CA ASN A 21 -21.31 -5.73 1.33
C ASN A 21 -19.95 -5.93 2.00
N ASP A 22 -18.89 -5.93 1.20
CA ASP A 22 -17.58 -6.40 1.69
C ASP A 22 -16.55 -5.30 1.99
N LEU A 23 -16.62 -4.17 1.31
CA LEU A 23 -15.56 -3.15 1.40
C LEU A 23 -15.25 -2.71 2.80
N GLU A 24 -16.31 -2.45 3.57
CA GLU A 24 -16.16 -1.83 4.88
C GLU A 24 -15.26 -2.62 5.83
N ASP A 25 -15.27 -3.94 5.73
CA ASP A 25 -14.54 -4.80 6.65
C ASP A 25 -13.19 -5.27 6.11
N MET A 26 -12.79 -4.79 4.93
CA MET A 26 -11.53 -5.27 4.32
C MET A 26 -10.30 -4.60 4.89
N ASP A 27 -9.20 -5.36 4.95
CA ASP A 27 -7.88 -4.76 5.27
C ASP A 27 -7.39 -3.93 4.09
N ASP A 28 -7.65 -4.42 2.88
CA ASP A 28 -7.18 -3.76 1.65
C ASP A 28 -8.36 -3.52 0.69
N PRO A 29 -9.24 -2.56 1.03
CA PRO A 29 -10.41 -2.31 0.17
C PRO A 29 -9.99 -1.89 -1.25
N LEU A 30 -8.82 -1.27 -1.39
CA LEU A 30 -8.34 -0.90 -2.72
C LEU A 30 -8.26 -2.12 -3.66
N ASP A 31 -7.89 -3.27 -3.12
CA ASP A 31 -7.75 -4.49 -3.93
C ASP A 31 -9.05 -4.89 -4.60
N LEU A 32 -10.19 -4.71 -3.91
CA LEU A 32 -11.48 -5.08 -4.49
C LEU A 32 -11.82 -4.14 -5.65
N PHE A 33 -11.63 -2.83 -5.44
CA PHE A 33 -11.77 -1.88 -6.56
C PHE A 33 -10.85 -2.24 -7.73
N LEU A 34 -9.59 -2.58 -7.43
CA LEU A 34 -8.64 -2.92 -8.51
C LEU A 34 -9.10 -4.14 -9.30
N ASP A 35 -9.55 -5.18 -8.59
CA ASP A 35 -10.03 -6.41 -9.26
C ASP A 35 -11.17 -6.07 -10.22
N TYR A 36 -12.10 -5.26 -9.73
CA TYR A 36 -13.27 -4.91 -10.52
C TYR A 36 -12.90 -4.06 -11.72
N MET A 37 -12.05 -3.04 -11.52
CA MET A 37 -11.61 -2.18 -12.62
C MET A 37 -10.82 -2.91 -13.70
N ILE A 38 -9.97 -3.85 -13.29
CA ILE A 38 -9.21 -4.65 -14.23
C ILE A 38 -10.19 -5.50 -15.04
N TRP A 39 -11.19 -6.08 -14.37
CA TRP A 39 -12.20 -6.90 -15.06
C TRP A 39 -13.02 -6.07 -16.06
N ILE A 40 -13.44 -4.89 -15.64
CA ILE A 40 -14.19 -4.00 -16.53
C ILE A 40 -13.38 -3.65 -17.77
N SER A 41 -12.12 -3.26 -17.55
CA SER A 41 -11.29 -2.72 -18.62
C SER A 41 -10.81 -3.80 -19.59
N THR A 42 -10.91 -5.07 -19.18
CA THR A 42 -10.50 -6.17 -20.03
C THR A 42 -11.73 -6.92 -20.55
N SER A 43 -12.43 -7.62 -19.66
CA SER A 43 -13.52 -8.48 -20.07
C SER A 43 -14.78 -7.73 -20.53
N TYR A 44 -15.22 -6.78 -19.72
CA TYR A 44 -16.51 -6.11 -19.96
C TYR A 44 -16.50 -5.15 -21.15
N ILE A 45 -15.48 -4.30 -21.23
CA ILE A 45 -15.36 -3.30 -22.28
C ILE A 45 -15.09 -3.92 -23.68
N GLU A 46 -14.56 -5.14 -23.69
CA GLU A 46 -14.33 -5.89 -24.94
C GLU A 46 -15.63 -6.35 -25.60
N VAL A 47 -16.68 -6.50 -24.80
CA VAL A 47 -17.97 -7.01 -25.28
C VAL A 47 -18.99 -5.87 -25.44
N ASP A 48 -18.97 -4.90 -24.54
CA ASP A 48 -19.85 -3.73 -24.62
C ASP A 48 -19.05 -2.46 -24.32
N SER A 49 -18.49 -1.86 -25.36
CA SER A 49 -17.60 -0.71 -25.22
C SER A 49 -18.26 0.54 -24.63
N GLU A 50 -19.52 0.77 -24.99
CA GLU A 50 -20.24 1.96 -24.52
C GLU A 50 -20.72 1.86 -23.06
N SER A 51 -21.24 0.71 -22.66
CA SER A 51 -21.54 0.45 -21.24
C SER A 51 -20.24 0.32 -20.44
N GLY A 52 -19.26 -0.37 -21.01
CA GLY A 52 -17.97 -0.60 -20.35
C GLY A 52 -17.27 0.70 -19.99
N GLN A 53 -17.30 1.66 -20.91
CA GLN A 53 -16.71 2.98 -20.69
C GLN A 53 -17.33 3.70 -19.48
N GLU A 54 -18.67 3.73 -19.45
N GLU A 54 -18.66 3.72 -19.44
CA GLU A 54 -19.43 4.36 -18.38
CA GLU A 54 -19.42 4.38 -18.37
C GLU A 54 -19.16 3.69 -17.03
C GLU A 54 -19.24 3.69 -17.02
N VAL A 55 -19.19 2.36 -17.03
CA VAL A 55 -19.02 1.59 -15.80
C VAL A 55 -17.58 1.74 -15.31
N LEU A 56 -16.63 1.75 -16.24
CA LEU A 56 -15.23 1.98 -15.84
C LEU A 56 -15.09 3.35 -15.19
N ARG A 57 -15.64 4.38 -15.84
CA ARG A 57 -15.48 5.75 -15.33
C ARG A 57 -16.08 5.87 -13.93
N SER A 58 -17.32 5.37 -13.76
CA SER A 58 -18.01 5.41 -12.47
C SER A 58 -17.30 4.64 -11.37
N THR A 59 -16.75 3.48 -11.70
CA THR A 59 -16.06 2.64 -10.74
C THR A 59 -14.76 3.33 -10.31
N MET A 60 -14.07 3.94 -11.25
CA MET A 60 -12.79 4.59 -10.93
C MET A 60 -13.07 5.78 -10.01
N GLU A 61 -14.14 6.51 -10.32
CA GLU A 61 -14.52 7.66 -9.48
C GLU A 61 -14.89 7.20 -8.07
N ARG A 62 -15.68 6.13 -7.98
N ARG A 62 -15.66 6.12 -7.97
CA ARG A 62 -16.02 5.54 -6.67
CA ARG A 62 -16.04 5.53 -6.69
C ARG A 62 -14.77 5.16 -5.89
C ARG A 62 -14.82 5.07 -5.88
N CYS A 63 -13.83 4.52 -6.57
CA CYS A 63 -12.56 4.11 -5.95
C CYS A 63 -11.83 5.33 -5.38
N LEU A 64 -11.64 6.34 -6.22
CA LEU A 64 -10.88 7.53 -5.79
C LEU A 64 -11.52 8.20 -4.58
N ILE A 65 -12.85 8.32 -4.63
CA ILE A 65 -13.62 8.95 -3.55
C ILE A 65 -13.58 8.14 -2.27
N TYR A 66 -13.74 6.83 -2.39
CA TYR A 66 -13.75 5.96 -1.21
C TYR A 66 -12.40 5.92 -0.49
N ILE A 67 -11.33 5.83 -1.28
CA ILE A 67 -10.00 5.61 -0.73
C ILE A 67 -9.28 6.92 -0.33
N GLN A 68 -9.68 8.05 -0.93
CA GLN A 68 -8.92 9.32 -0.82
C GLN A 68 -8.65 9.84 0.60
N ASP A 69 -9.58 9.63 1.51
CA ASP A 69 -9.41 10.21 2.86
C ASP A 69 -8.75 9.23 3.83
N MET A 70 -8.49 8.00 3.35
CA MET A 70 -7.70 7.02 4.09
C MET A 70 -6.23 7.40 3.94
N GLU A 71 -5.67 8.00 4.99
N GLU A 71 -5.66 8.01 4.97
CA GLU A 71 -4.30 8.49 4.99
CA GLU A 71 -4.28 8.50 4.90
C GLU A 71 -3.27 7.39 4.72
C GLU A 71 -3.25 7.38 4.70
N THR A 72 -3.63 6.15 5.09
CA THR A 72 -2.74 5.02 4.93
C THR A 72 -2.43 4.75 3.46
N TYR A 73 -3.34 5.12 2.56
CA TYR A 73 -3.17 4.90 1.11
C TYR A 73 -2.50 6.05 0.35
N ARG A 74 -2.17 7.13 1.08
CA ARG A 74 -1.65 8.36 0.43
C ARG A 74 -0.54 8.11 -0.58
N ASN A 75 0.44 7.28 -0.20
CA ASN A 75 1.54 6.97 -1.11
C ASN A 75 1.60 5.51 -1.52
N ASP A 76 0.41 4.89 -1.65
CA ASP A 76 0.29 3.55 -2.21
C ASP A 76 0.41 3.69 -3.74
N PRO A 77 1.43 3.06 -4.36
CA PRO A 77 1.62 3.27 -5.80
C PRO A 77 0.44 2.74 -6.61
N ARG A 78 -0.27 1.74 -6.09
CA ARG A 78 -1.45 1.24 -6.79
C ARG A 78 -2.54 2.31 -6.87
N PHE A 79 -2.73 3.04 -5.76
CA PHE A 79 -3.70 4.13 -5.70
C PHE A 79 -3.29 5.26 -6.64
N LEU A 80 -2.03 5.66 -6.58
CA LEU A 80 -1.51 6.68 -7.49
C LEU A 80 -1.83 6.34 -8.95
N LYS A 81 -1.62 5.09 -9.32
CA LYS A 81 -1.83 4.70 -10.72
C LYS A 81 -3.28 4.87 -11.14
N ILE A 82 -4.22 4.66 -10.24
N ILE A 82 -4.22 4.68 -10.22
CA ILE A 82 -5.64 4.86 -10.56
CA ILE A 82 -5.64 4.86 -10.53
C ILE A 82 -5.90 6.33 -10.89
C ILE A 82 -5.96 6.32 -10.83
N TRP A 83 -5.34 7.25 -10.10
CA TRP A 83 -5.45 8.69 -10.38
C TRP A 83 -4.91 8.98 -11.78
N ILE A 84 -3.72 8.48 -12.08
N ILE A 84 -3.70 8.47 -12.06
CA ILE A 84 -3.09 8.79 -13.37
CA ILE A 84 -3.02 8.69 -13.35
C ILE A 84 -3.83 8.13 -14.55
C ILE A 84 -3.85 8.14 -14.50
N TRP A 85 -4.35 6.92 -14.35
CA TRP A 85 -5.20 6.28 -15.37
C TRP A 85 -6.45 7.09 -15.60
N TYR A 86 -7.03 7.60 -14.52
CA TYR A 86 -8.23 8.43 -14.65
C TYR A 86 -7.98 9.67 -15.48
N ILE A 87 -6.93 10.40 -15.14
CA ILE A 87 -6.57 11.61 -15.86
C ILE A 87 -6.34 11.30 -17.34
N ASN A 88 -5.59 10.24 -17.62
CA ASN A 88 -5.23 9.89 -19.00
C ASN A 88 -6.42 9.41 -19.85
N LEU A 89 -7.31 8.62 -19.25
CA LEU A 89 -8.46 8.07 -19.95
C LEU A 89 -9.58 9.08 -20.15
N PHE A 90 -9.82 9.92 -19.14
CA PHE A 90 -11.05 10.71 -19.08
C PHE A 90 -10.87 12.23 -19.13
N LEU A 91 -9.67 12.72 -18.83
CA LEU A 91 -9.43 14.16 -18.79
C LEU A 91 -8.41 14.65 -19.82
N SER A 92 -8.06 13.79 -20.78
CA SER A 92 -6.96 14.06 -21.72
C SER A 92 -7.17 15.30 -22.59
N ASN A 93 -8.44 15.63 -22.87
CA ASN A 93 -8.77 16.81 -23.67
C ASN A 93 -9.05 18.07 -22.82
N ASN A 94 -8.63 18.04 -21.55
CA ASN A 94 -8.95 19.13 -20.63
C ASN A 94 -7.78 19.41 -19.71
N PHE A 95 -6.91 20.34 -20.11
CA PHE A 95 -5.73 20.67 -19.31
C PHE A 95 -6.08 21.14 -17.91
N HIS A 96 -7.06 22.04 -17.81
CA HIS A 96 -7.38 22.62 -16.51
C HIS A 96 -7.87 21.59 -15.50
N GLU A 97 -8.73 20.69 -15.95
CA GLU A 97 -9.22 19.64 -15.06
C GLU A 97 -8.13 18.64 -14.75
N SER A 98 -7.27 18.33 -15.74
CA SER A 98 -6.09 17.48 -15.48
C SER A 98 -5.17 18.11 -14.42
N GLU A 99 -4.80 19.36 -14.64
CA GLU A 99 -3.93 20.06 -13.71
C GLU A 99 -4.58 20.17 -12.32
N ASN A 100 -5.88 20.47 -12.31
CA ASN A 100 -6.60 20.59 -11.04
C ASN A 100 -6.62 19.28 -10.26
N THR A 101 -6.67 18.17 -10.98
CA THR A 101 -6.61 16.85 -10.35
C THR A 101 -5.22 16.66 -9.71
N PHE A 102 -4.15 16.96 -10.44
CA PHE A 102 -2.81 16.85 -9.84
C PHE A 102 -2.65 17.77 -8.62
N LYS A 103 -3.18 18.99 -8.73
CA LYS A 103 -3.13 19.96 -7.63
C LYS A 103 -3.90 19.50 -6.38
N TYR A 104 -5.04 18.86 -6.60
CA TYR A 104 -5.86 18.31 -5.52
C TYR A 104 -5.12 17.19 -4.80
N MET A 105 -4.59 16.25 -5.58
CA MET A 105 -3.69 15.21 -5.05
C MET A 105 -2.54 15.82 -4.24
N PHE A 106 -1.87 16.83 -4.79
CA PHE A 106 -0.72 17.47 -4.12
C PHE A 106 -1.16 18.02 -2.74
N ASN A 107 -2.30 18.71 -2.73
CA ASN A 107 -2.86 19.28 -1.50
C ASN A 107 -3.19 18.24 -0.44
N LYS A 108 -3.63 17.06 -0.88
CA LYS A 108 -3.97 15.97 0.04
C LYS A 108 -2.78 15.05 0.38
N GLY A 109 -1.62 15.31 -0.21
CA GLY A 109 -0.45 14.47 -0.03
C GLY A 109 -0.55 13.11 -0.71
N ILE A 110 -1.41 13.01 -1.72
CA ILE A 110 -1.53 11.79 -2.50
C ILE A 110 -0.43 11.72 -3.56
N GLY A 111 0.47 10.75 -3.40
CA GLY A 111 1.53 10.52 -4.37
C GLY A 111 2.76 11.39 -4.21
N THR A 112 2.76 12.27 -3.22
CA THR A 112 3.84 13.26 -3.11
C THR A 112 5.20 12.70 -2.64
N LYS A 113 5.21 11.42 -2.26
CA LYS A 113 6.47 10.74 -1.97
C LYS A 113 6.85 9.75 -3.07
N LEU A 114 6.11 9.77 -4.18
CA LEU A 114 6.37 8.86 -5.30
C LEU A 114 6.83 9.57 -6.57
N SER A 115 7.94 9.09 -7.14
CA SER A 115 8.51 9.68 -8.37
C SER A 115 7.49 9.79 -9.51
N LEU A 116 6.66 8.77 -9.66
CA LEU A 116 5.67 8.74 -10.73
C LEU A 116 4.78 9.99 -10.71
N PHE A 117 4.43 10.47 -9.51
CA PHE A 117 3.56 11.63 -9.40
C PHE A 117 4.23 12.82 -10.09
N TYR A 118 5.47 13.07 -9.73
CA TYR A 118 6.19 14.22 -10.29
C TYR A 118 6.48 14.05 -11.76
N GLU A 119 6.82 12.83 -12.17
CA GLU A 119 7.06 12.54 -13.61
C GLU A 119 5.83 12.84 -14.47
N GLU A 120 4.69 12.35 -14.04
CA GLU A 120 3.44 12.55 -14.79
C GLU A 120 2.94 13.99 -14.77
N PHE A 121 3.01 14.63 -13.60
CA PHE A 121 2.59 16.01 -13.44
C PHE A 121 3.51 16.90 -14.32
N SER A 122 4.81 16.64 -14.25
CA SER A 122 5.76 17.37 -15.08
C SER A 122 5.46 17.20 -16.56
N LYS A 123 5.14 15.97 -16.98
CA LYS A 123 4.79 15.68 -18.37
C LYS A 123 3.57 16.52 -18.80
N LEU A 124 2.56 16.62 -17.93
CA LEU A 124 1.39 17.44 -18.24
C LEU A 124 1.81 18.89 -18.52
N LEU A 125 2.61 19.45 -17.62
CA LEU A 125 3.05 20.84 -17.75
C LEU A 125 3.93 21.00 -18.97
N GLU A 126 4.79 20.01 -19.21
CA GLU A 126 5.67 20.04 -20.41
C GLU A 126 4.87 20.13 -21.71
N ASN A 127 3.89 19.23 -21.86
CA ASN A 127 3.02 19.20 -23.03
C ASN A 127 2.22 20.50 -23.19
N ALA A 128 1.88 21.13 -22.05
CA ALA A 128 1.17 22.41 -22.05
C ALA A 128 2.14 23.57 -22.25
N GLN A 129 3.42 23.25 -22.45
CA GLN A 129 4.45 24.26 -22.70
C GLN A 129 4.76 25.16 -21.50
N PHE A 130 4.49 24.67 -20.28
CA PHE A 130 5.01 25.31 -19.08
C PHE A 130 6.37 24.68 -18.83
N PHE A 131 7.33 24.98 -19.72
CA PHE A 131 8.56 24.23 -19.79
C PHE A 131 9.40 24.28 -18.52
N LEU A 132 9.62 25.48 -17.99
CA LEU A 132 10.50 25.63 -16.84
C LEU A 132 9.81 25.24 -15.52
N GLU A 133 8.49 25.41 -15.46
CA GLU A 133 7.71 24.92 -14.33
C GLU A 133 7.79 23.40 -14.24
N ALA A 134 7.75 22.74 -15.41
CA ALA A 134 7.86 21.28 -15.47
C ALA A 134 9.20 20.78 -14.93
N LYS A 135 10.28 21.52 -15.19
CA LYS A 135 11.59 21.16 -14.67
C LYS A 135 11.62 21.31 -13.16
N VAL A 136 11.08 22.42 -12.66
CA VAL A 136 11.08 22.70 -11.23
C VAL A 136 10.29 21.63 -10.47
N LEU A 137 9.21 21.15 -11.09
CA LEU A 137 8.42 20.09 -10.49
C LEU A 137 9.22 18.80 -10.29
N LEU A 138 10.04 18.44 -11.28
CA LEU A 138 10.90 17.26 -11.13
C LEU A 138 11.91 17.47 -10.01
N GLU A 139 12.49 18.67 -9.95
CA GLU A 139 13.43 19.00 -8.88
C GLU A 139 12.76 19.01 -7.50
N LEU A 140 11.49 19.38 -7.45
CA LEU A 140 10.71 19.35 -6.21
C LEU A 140 10.53 17.91 -5.72
N GLY A 141 10.27 16.99 -6.65
CA GLY A 141 10.16 15.58 -6.32
C GLY A 141 11.43 15.07 -5.66
N ALA A 142 12.58 15.42 -6.23
CA ALA A 142 13.87 15.00 -5.70
C ALA A 142 14.12 15.59 -4.30
N GLU A 143 13.71 16.84 -4.11
N GLU A 143 13.74 16.86 -4.13
CA GLU A 143 13.85 17.52 -2.82
CA GLU A 143 13.82 17.53 -2.83
C GLU A 143 12.91 16.97 -1.73
C GLU A 143 13.03 16.78 -1.76
N ASN A 144 11.85 16.28 -2.15
CA ASN A 144 10.95 15.58 -1.24
C ASN A 144 11.34 14.11 -1.01
N ASN A 145 12.50 13.71 -1.52
CA ASN A 145 13.02 12.34 -1.38
C ASN A 145 12.05 11.28 -1.90
N CYS A 146 11.48 11.51 -3.09
N CYS A 146 11.51 11.51 -3.09
CA CYS A 146 10.52 10.58 -3.69
CA CYS A 146 10.59 10.57 -3.72
C CYS A 146 11.20 9.33 -4.23
C CYS A 146 11.26 9.27 -4.09
N ARG A 147 10.46 8.22 -4.26
CA ARG A 147 10.98 6.91 -4.68
C ARG A 147 10.21 6.41 -5.92
N PRO A 148 10.89 5.72 -6.88
CA PRO A 148 12.33 5.43 -7.00
C PRO A 148 13.14 6.67 -7.40
N TYR A 149 14.13 6.99 -6.58
CA TYR A 149 14.86 8.25 -6.70
C TYR A 149 15.70 8.37 -7.97
N ASN A 150 16.46 7.32 -8.30
CA ASN A 150 17.35 7.38 -9.45
C ASN A 150 16.62 7.52 -10.78
N ARG A 151 15.46 6.88 -10.89
CA ARG A 151 14.66 7.00 -12.10
C ARG A 151 14.23 8.44 -12.31
N LEU A 152 13.84 9.11 -11.21
CA LEU A 152 13.45 10.52 -11.25
C LEU A 152 14.59 11.38 -11.80
N LEU A 153 15.81 11.09 -11.34
CA LEU A 153 17.00 11.82 -11.83
C LEU A 153 17.24 11.62 -13.32
N ARG A 154 16.97 10.42 -13.83
N ARG A 154 16.98 10.41 -13.82
CA ARG A 154 17.08 10.15 -15.26
CA ARG A 154 17.06 10.10 -15.24
C ARG A 154 15.97 10.83 -16.05
C ARG A 154 15.99 10.88 -16.02
N SER A 155 14.77 10.91 -15.48
CA SER A 155 13.65 11.61 -16.11
C SER A 155 13.97 13.08 -16.30
N LEU A 156 14.58 13.67 -15.28
CA LEU A 156 15.02 15.05 -15.31
C LEU A 156 16.11 15.25 -16.37
N SER A 157 17.08 14.33 -16.38
CA SER A 157 18.16 14.38 -17.38
C SER A 157 17.62 14.33 -18.81
N ASN A 158 16.71 13.38 -19.07
CA ASN A 158 16.08 13.27 -20.39
C ASN A 158 15.30 14.52 -20.76
N TYR A 159 14.66 15.14 -19.77
CA TYR A 159 13.91 16.36 -20.00
C TYR A 159 14.81 17.54 -20.38
N GLU A 160 15.95 17.65 -19.69
CA GLU A 160 16.94 18.66 -20.04
C GLU A 160 17.45 18.50 -21.48
N ASP A 161 17.53 17.26 -21.95
CA ASP A 161 17.89 16.97 -23.34
C ASP A 161 16.82 17.45 -24.31
N ARG A 162 15.55 17.31 -23.91
CA ARG A 162 14.44 17.80 -24.73
C ARG A 162 14.41 19.32 -24.74
N LEU A 163 14.74 19.92 -23.60
CA LEU A 163 14.81 21.38 -23.46
C LEU A 163 15.86 21.99 -24.39
N ARG A 164 17.02 21.34 -24.45
CA ARG A 164 18.11 21.78 -25.33
C ARG A 164 17.74 21.70 -26.82
N GLU A 165 16.97 20.67 -27.18
CA GLU A 165 16.45 20.50 -28.54
C GLU A 165 15.45 21.59 -28.97
N MET A 166 14.92 22.32 -27.99
CA MET A 166 14.02 23.44 -28.24
C MET A 166 14.68 24.81 -27.92
N ASN A 167 15.97 24.79 -27.62
CA ASN A 167 16.75 26.02 -27.33
C ASN A 167 16.25 26.79 -26.10
N ILE A 168 15.90 26.07 -25.03
CA ILE A 168 15.27 26.69 -23.85
C ILE A 168 16.21 26.79 -22.66
N VAL A 169 16.31 28.01 -22.11
CA VAL A 169 17.06 28.30 -20.87
C VAL A 169 16.40 29.45 -20.10
N GLU A 170 16.70 29.56 -18.80
CA GLU A 170 16.21 30.66 -17.97
C GLU A 170 16.99 31.95 -18.19
N ASN A 171 16.34 33.09 -17.92
CA ASN A 171 16.98 34.41 -17.98
C ASN A 171 17.05 35.09 -16.60
N PRO A 176 14.35 33.57 -8.93
CA PRO A 176 13.89 32.41 -9.66
C PRO A 176 12.40 32.49 -9.99
N ASP A 177 12.08 32.97 -11.19
CA ASP A 177 10.68 33.17 -11.55
C ASP A 177 9.95 31.86 -11.88
N SER A 178 10.65 30.91 -12.51
CA SER A 178 10.03 29.62 -12.85
C SER A 178 9.57 28.87 -11.61
N ARG A 179 10.37 28.95 -10.54
CA ARG A 179 10.00 28.36 -9.26
C ARG A 179 8.79 29.07 -8.66
N GLU A 180 8.79 30.40 -8.74
CA GLU A 180 7.67 31.19 -8.25
C GLU A 180 6.42 31.03 -9.10
N ARG A 181 6.61 30.83 -10.40
CA ARG A 181 5.51 30.53 -11.31
C ARG A 181 4.88 29.18 -10.97
N LEU A 182 5.72 28.17 -10.74
CA LEU A 182 5.25 26.85 -10.30
C LEU A 182 4.50 26.92 -8.97
N LYS A 183 5.10 27.61 -7.99
CA LYS A 183 4.47 27.82 -6.69
C LYS A 183 3.04 28.38 -6.86
N GLY A 184 2.93 29.41 -7.71
CA GLY A 184 1.63 30.01 -8.05
C GLY A 184 0.66 29.00 -8.66
N ARG A 185 1.17 28.17 -9.57
CA ARG A 185 0.38 27.11 -10.20
C ARG A 185 -0.07 26.04 -9.19
N LEU A 186 0.72 25.83 -8.14
CA LEU A 186 0.43 24.77 -7.17
C LEU A 186 -0.57 25.15 -6.08
N ILE A 187 -0.80 26.46 -5.91
CA ILE A 187 -1.72 26.94 -4.87
C ILE A 187 -3.07 26.27 -5.07
N TYR A 188 -3.52 25.55 -4.05
CA TYR A 188 -4.77 24.82 -4.11
C TYR A 188 -5.97 25.78 -4.17
N ARG A 189 -6.89 25.50 -5.07
CA ARG A 189 -8.08 26.34 -5.23
C ARG A 189 -9.37 25.55 -4.97
N THR A 190 -9.59 24.52 -5.79
CA THR A 190 -10.86 23.82 -5.84
C THR A 190 -10.63 22.35 -6.24
N ALA A 191 -11.48 21.43 -5.76
CA ALA A 191 -11.46 20.05 -6.28
C ALA A 191 -11.84 20.01 -7.76
N PRO A 192 -11.29 19.03 -8.52
CA PRO A 192 -11.69 18.91 -9.92
C PRO A 192 -13.17 18.66 -10.02
N PHE A 193 -13.77 19.06 -11.13
CA PHE A 193 -15.20 18.94 -11.30
C PHE A 193 -15.73 17.53 -11.12
N PHE A 194 -14.99 16.52 -11.59
CA PHE A 194 -15.53 15.15 -11.52
C PHE A 194 -15.75 14.72 -10.08
N ILE A 195 -14.91 15.22 -9.17
CA ILE A 195 -15.04 14.90 -7.77
C ILE A 195 -16.26 15.64 -7.18
N ARG A 196 -16.35 16.93 -7.46
CA ARG A 196 -17.47 17.75 -6.94
C ARG A 196 -18.82 17.23 -7.44
N LYS A 197 -18.89 16.88 -8.73
CA LYS A 197 -20.10 16.33 -9.33
C LYS A 197 -20.51 15.00 -8.68
N PHE A 198 -19.51 14.15 -8.42
CA PHE A 198 -19.76 12.88 -7.75
C PHE A 198 -20.40 13.11 -6.37
N LEU A 199 -19.83 14.03 -5.61
CA LEU A 199 -20.28 14.29 -4.25
C LEU A 199 -21.67 14.91 -4.19
N THR A 200 -21.98 15.77 -5.15
CA THR A 200 -23.25 16.48 -5.15
C THR A 200 -24.38 15.63 -5.73
N SER A 201 -24.01 14.65 -6.57
CA SER A 201 -24.96 13.75 -7.19
C SER A 201 -25.33 12.58 -6.27
N GLN B 1 10.55 -35.98 -13.11
CA GLN B 1 10.47 -35.16 -11.87
C GLN B 1 11.77 -34.40 -11.61
N LYS B 2 12.89 -34.94 -12.07
CA LYS B 2 14.15 -34.19 -12.10
C LYS B 2 13.94 -33.03 -13.08
N GLU B 3 13.17 -33.30 -14.13
CA GLU B 3 12.77 -32.30 -15.11
C GLU B 3 11.89 -31.21 -14.48
N GLN B 4 10.95 -31.60 -13.62
CA GLN B 4 10.14 -30.62 -12.87
C GLN B 4 11.03 -29.82 -11.93
N HIS B 5 11.81 -30.53 -11.10
CA HIS B 5 12.75 -29.91 -10.16
C HIS B 5 13.64 -28.89 -10.85
N SER B 6 14.12 -29.24 -12.04
CA SER B 6 14.98 -28.37 -12.82
C SER B 6 14.25 -27.13 -13.36
N GLN B 7 13.04 -27.31 -13.88
CA GLN B 7 12.28 -26.18 -14.38
C GLN B 7 11.90 -25.22 -13.25
N LEU B 8 11.48 -25.77 -12.12
CA LEU B 8 11.18 -24.92 -10.95
C LEU B 8 12.43 -24.14 -10.51
N ASN B 9 13.59 -24.81 -10.48
CA ASN B 9 14.84 -24.13 -10.18
C ASN B 9 15.18 -22.99 -11.15
N GLN B 10 14.92 -23.20 -12.45
CA GLN B 10 15.16 -22.16 -13.44
C GLN B 10 14.26 -20.94 -13.23
N THR B 11 13.00 -21.17 -12.90
CA THR B 11 12.08 -20.08 -12.58
C THR B 11 12.52 -19.33 -11.30
N LYS B 12 12.93 -20.08 -10.28
CA LYS B 12 13.47 -19.49 -9.05
C LYS B 12 14.67 -18.57 -9.34
N ILE B 13 15.62 -19.07 -10.14
CA ILE B 13 16.76 -18.24 -10.58
C ILE B 13 16.32 -16.94 -11.27
N ALA B 14 15.31 -17.04 -12.13
CA ALA B 14 14.76 -15.90 -12.89
C ALA B 14 14.20 -14.84 -11.93
N TYR B 15 13.48 -15.27 -10.90
CA TYR B 15 12.98 -14.33 -9.88
C TYR B 15 14.12 -13.66 -9.13
N GLU B 16 15.12 -14.46 -8.76
CA GLU B 16 16.28 -13.94 -8.02
C GLU B 16 17.00 -12.89 -8.87
N GLN B 17 17.08 -13.11 -10.18
CA GLN B 17 17.64 -12.11 -11.09
C GLN B 17 16.80 -10.84 -11.19
N ARG B 18 15.48 -10.99 -11.13
CA ARG B 18 14.60 -9.83 -11.10
C ARG B 18 14.78 -8.98 -9.84
N LEU B 19 14.98 -9.63 -8.69
CA LEU B 19 15.24 -8.92 -7.44
C LEU B 19 16.53 -8.11 -7.51
N LEU B 20 17.54 -8.65 -8.19
CA LEU B 20 18.80 -7.94 -8.31
C LEU B 20 18.73 -6.79 -9.31
N ASN B 21 17.95 -6.96 -10.38
CA ASN B 21 17.98 -6.04 -11.52
C ASN B 21 16.81 -5.06 -11.67
N ASP B 22 15.63 -5.43 -11.16
CA ASP B 22 14.41 -4.67 -11.41
C ASP B 22 13.89 -3.86 -10.22
N LEU B 23 14.22 -4.28 -9.00
CA LEU B 23 13.62 -3.67 -7.80
C LEU B 23 13.81 -2.16 -7.71
N GLU B 24 15.03 -1.71 -7.98
CA GLU B 24 15.41 -0.32 -7.77
C GLU B 24 14.52 0.68 -8.52
N ASP B 25 14.05 0.30 -9.71
CA ASP B 25 13.28 1.21 -10.58
C ASP B 25 11.76 1.04 -10.50
N MET B 26 11.30 0.14 -9.63
CA MET B 26 9.87 -0.14 -9.56
C MET B 26 9.14 0.91 -8.75
N ASP B 27 7.92 1.26 -9.20
CA ASP B 27 7.04 2.08 -8.37
C ASP B 27 6.54 1.28 -7.18
N ASP B 28 6.31 -0.02 -7.38
CA ASP B 28 5.80 -0.90 -6.31
C ASP B 28 6.71 -2.14 -6.09
N PRO B 29 7.92 -1.95 -5.51
CA PRO B 29 8.84 -3.08 -5.32
C PRO B 29 8.23 -4.19 -4.47
N LEU B 30 7.35 -3.83 -3.54
CA LEU B 30 6.68 -4.84 -2.72
C LEU B 30 5.97 -5.90 -3.59
N ASP B 31 5.40 -5.47 -4.71
CA ASP B 31 4.68 -6.39 -5.59
C ASP B 31 5.57 -7.50 -6.15
N LEU B 32 6.84 -7.18 -6.43
CA LEU B 32 7.77 -8.23 -6.89
C LEU B 32 8.05 -9.25 -5.79
N PHE B 33 8.35 -8.78 -4.58
CA PHE B 33 8.54 -9.72 -3.47
C PHE B 33 7.29 -10.57 -3.28
N LEU B 34 6.11 -9.95 -3.33
N LEU B 34 6.11 -9.94 -3.33
CA LEU B 34 4.88 -10.69 -3.08
CA LEU B 34 4.86 -10.66 -3.11
C LEU B 34 4.63 -11.74 -4.17
C LEU B 34 4.66 -11.74 -4.16
N ASP B 35 4.85 -11.35 -5.43
CA ASP B 35 4.77 -12.25 -6.57
C ASP B 35 5.66 -13.48 -6.37
N TYR B 36 6.91 -13.23 -6.02
CA TYR B 36 7.87 -14.30 -5.74
C TYR B 36 7.43 -15.20 -4.59
N MET B 37 7.00 -14.62 -3.47
CA MET B 37 6.54 -15.42 -2.35
C MET B 37 5.37 -16.33 -2.70
N ILE B 38 4.41 -15.79 -3.42
CA ILE B 38 3.22 -16.55 -3.85
C ILE B 38 3.68 -17.69 -4.77
N TRP B 39 4.64 -17.39 -5.64
CA TRP B 39 5.19 -18.41 -6.53
C TRP B 39 5.91 -19.52 -5.73
N ILE B 40 6.78 -19.14 -4.79
CA ILE B 40 7.46 -20.13 -3.97
C ILE B 40 6.45 -21.05 -3.27
N SER B 41 5.43 -20.46 -2.64
CA SER B 41 4.44 -21.22 -1.89
C SER B 41 3.58 -22.11 -2.79
N THR B 42 3.04 -21.53 -3.87
CA THR B 42 2.08 -22.27 -4.71
C THR B 42 2.73 -23.22 -5.73
N SER B 43 4.05 -23.08 -5.94
CA SER B 43 4.79 -24.01 -6.82
C SER B 43 5.15 -25.28 -6.03
N TYR B 44 5.05 -25.21 -4.71
CA TYR B 44 5.48 -26.28 -3.82
C TYR B 44 6.94 -26.69 -4.05
N ILE B 45 7.75 -25.75 -4.54
CA ILE B 45 9.17 -26.01 -4.79
C ILE B 45 9.86 -26.61 -3.53
N GLU B 46 9.46 -26.17 -2.35
CA GLU B 46 10.10 -26.62 -1.10
C GLU B 46 9.35 -27.74 -0.37
N VAL B 47 8.34 -28.33 -1.00
CA VAL B 47 7.47 -29.25 -0.28
C VAL B 47 8.22 -30.45 0.33
N ASP B 48 9.31 -30.86 -0.31
CA ASP B 48 10.09 -32.01 0.17
C ASP B 48 11.37 -31.61 0.90
N SER B 49 11.51 -30.33 1.24
CA SER B 49 12.73 -29.86 1.90
C SER B 49 12.79 -30.33 3.35
N GLU B 50 13.84 -31.11 3.67
CA GLU B 50 14.02 -31.59 5.05
C GLU B 50 14.31 -30.45 6.03
N SER B 51 14.77 -29.33 5.49
CA SER B 51 15.11 -28.16 6.32
C SER B 51 13.97 -27.13 6.40
N GLY B 52 12.80 -27.53 5.91
CA GLY B 52 11.64 -26.65 5.92
C GLY B 52 11.71 -25.60 4.81
N GLN B 53 10.92 -24.55 4.97
CA GLN B 53 10.73 -23.57 3.91
C GLN B 53 11.77 -22.45 3.93
N GLU B 54 13.04 -22.82 3.75
CA GLU B 54 14.17 -21.88 3.88
C GLU B 54 14.17 -20.79 2.82
N VAL B 55 13.82 -21.14 1.58
CA VAL B 55 13.78 -20.18 0.50
C VAL B 55 12.67 -19.16 0.77
N LEU B 56 11.50 -19.64 1.16
CA LEU B 56 10.42 -18.72 1.51
C LEU B 56 10.84 -17.82 2.68
N ARG B 57 11.44 -18.42 3.71
CA ARG B 57 11.85 -17.65 4.89
C ARG B 57 12.84 -16.55 4.50
N SER B 58 13.85 -16.90 3.72
CA SER B 58 14.87 -15.93 3.30
C SER B 58 14.24 -14.80 2.49
N THR B 59 13.33 -15.16 1.57
CA THR B 59 12.63 -14.19 0.75
C THR B 59 11.79 -13.22 1.60
N MET B 60 11.10 -13.76 2.60
CA MET B 60 10.28 -12.93 3.47
C MET B 60 11.17 -11.98 4.27
N GLU B 61 12.27 -12.51 4.82
CA GLU B 61 13.21 -11.66 5.59
C GLU B 61 13.81 -10.56 4.72
N ARG B 62 14.23 -10.91 3.50
CA ARG B 62 14.73 -9.92 2.54
C ARG B 62 13.69 -8.85 2.21
N CYS B 63 12.44 -9.28 2.00
CA CYS B 63 11.35 -8.33 1.75
C CYS B 63 11.20 -7.34 2.91
N LEU B 64 11.15 -7.86 4.13
CA LEU B 64 10.90 -7.03 5.31
C LEU B 64 12.02 -6.01 5.48
N ILE B 65 13.26 -6.46 5.33
CA ILE B 65 14.43 -5.56 5.47
C ILE B 65 14.46 -4.51 4.35
N TYR B 66 14.19 -4.92 3.11
CA TYR B 66 14.23 -4.00 1.97
C TYR B 66 13.14 -2.91 2.06
N ILE B 67 11.92 -3.32 2.38
CA ILE B 67 10.75 -2.46 2.30
C ILE B 67 10.58 -1.62 3.57
N GLN B 68 11.11 -2.10 4.69
CA GLN B 68 10.80 -1.41 5.97
C GLN B 68 11.35 0.02 6.00
N ASP B 69 12.40 0.27 5.21
CA ASP B 69 13.06 1.57 5.11
C ASP B 69 12.18 2.60 4.40
N MET B 70 11.20 2.12 3.64
CA MET B 70 10.33 2.99 2.85
C MET B 70 9.09 3.42 3.64
N GLU B 71 9.08 4.67 4.08
CA GLU B 71 7.99 5.16 4.93
C GLU B 71 6.64 5.04 4.24
N THR B 72 6.63 5.06 2.90
CA THR B 72 5.37 4.99 2.15
C THR B 72 4.60 3.71 2.40
N TYR B 73 5.32 2.65 2.79
CA TYR B 73 4.72 1.33 2.96
C TYR B 73 4.28 1.03 4.40
N ARG B 74 4.48 2.02 5.30
CA ARG B 74 4.34 1.81 6.76
C ARG B 74 3.00 1.20 7.14
N ASN B 75 1.95 1.68 6.50
CA ASN B 75 0.61 1.17 6.73
C ASN B 75 -0.05 0.58 5.49
N ASP B 76 0.78 -0.04 4.66
CA ASP B 76 0.29 -0.79 3.52
C ASP B 76 -0.14 -2.16 4.04
N PRO B 77 -1.41 -2.53 3.86
CA PRO B 77 -1.86 -3.81 4.43
C PRO B 77 -1.13 -5.02 3.84
N ARG B 78 -0.65 -4.92 2.60
CA ARG B 78 0.15 -6.02 2.02
C ARG B 78 1.46 -6.21 2.76
N PHE B 79 2.04 -5.09 3.17
CA PHE B 79 3.29 -5.12 3.91
C PHE B 79 3.08 -5.69 5.31
N LEU B 80 2.05 -5.19 6.01
CA LEU B 80 1.71 -5.75 7.31
C LEU B 80 1.52 -7.26 7.26
N LYS B 81 0.84 -7.73 6.22
CA LYS B 81 0.57 -9.16 6.11
C LYS B 81 1.83 -9.99 6.00
N ILE B 82 2.87 -9.46 5.35
CA ILE B 82 4.15 -10.22 5.30
C ILE B 82 4.72 -10.42 6.69
N TRP B 83 4.67 -9.39 7.54
CA TRP B 83 5.10 -9.55 8.94
C TRP B 83 4.30 -10.61 9.66
N ILE B 84 2.98 -10.57 9.51
CA ILE B 84 2.09 -11.53 10.17
C ILE B 84 2.37 -12.95 9.67
N TRP B 85 2.54 -13.11 8.36
CA TRP B 85 2.85 -14.43 7.80
C TRP B 85 4.18 -14.94 8.37
N TYR B 86 5.16 -14.06 8.48
CA TYR B 86 6.47 -14.44 8.97
C TYR B 86 6.36 -14.96 10.40
N ILE B 87 5.66 -14.21 11.24
CA ILE B 87 5.45 -14.56 12.63
C ILE B 87 4.73 -15.90 12.72
N ASN B 88 3.65 -16.05 11.94
CA ASN B 88 2.85 -17.27 11.99
C ASN B 88 3.62 -18.49 11.51
N LEU B 89 4.35 -18.33 10.40
CA LEU B 89 5.02 -19.46 9.76
C LEU B 89 6.27 -19.90 10.49
N PHE B 90 7.06 -18.93 10.93
CA PHE B 90 8.40 -19.22 11.42
C PHE B 90 8.64 -19.00 12.92
N LEU B 91 7.75 -18.29 13.58
CA LEU B 91 7.96 -17.99 15.00
C LEU B 91 6.88 -18.59 15.89
N SER B 92 6.09 -19.50 15.32
CA SER B 92 4.93 -20.08 16.02
C SER B 92 5.24 -20.82 17.32
N ASN B 93 6.46 -21.31 17.48
CA ASN B 93 6.82 -22.01 18.72
C ASN B 93 7.64 -21.13 19.65
N ASN B 94 7.55 -19.82 19.44
CA ASN B 94 8.41 -18.89 20.13
C ASN B 94 7.67 -17.61 20.51
N PHE B 95 7.03 -17.63 21.68
CA PHE B 95 6.28 -16.45 22.15
C PHE B 95 7.14 -15.19 22.20
N HIS B 96 8.32 -15.29 22.80
CA HIS B 96 9.11 -14.08 23.02
C HIS B 96 9.62 -13.47 21.73
N GLU B 97 10.02 -14.31 20.77
CA GLU B 97 10.40 -13.79 19.47
C GLU B 97 9.22 -13.20 18.72
N SER B 98 8.06 -13.86 18.81
CA SER B 98 6.84 -13.31 18.20
C SER B 98 6.54 -11.94 18.80
N GLU B 99 6.52 -11.86 20.13
CA GLU B 99 6.22 -10.60 20.81
C GLU B 99 7.24 -9.52 20.43
N ASN B 100 8.52 -9.89 20.40
CA ASN B 100 9.56 -8.93 20.02
C ASN B 100 9.37 -8.38 18.62
N THR B 101 8.87 -9.22 17.72
CA THR B 101 8.60 -8.78 16.35
C THR B 101 7.46 -7.75 16.36
N PHE B 102 6.36 -8.04 17.05
CA PHE B 102 5.27 -7.07 17.15
C PHE B 102 5.71 -5.75 17.82
N LYS B 103 6.54 -5.86 18.85
CA LYS B 103 7.03 -4.68 19.58
C LYS B 103 7.90 -3.79 18.69
N TYR B 104 8.75 -4.43 17.89
CA TYR B 104 9.55 -3.74 16.90
C TYR B 104 8.69 -2.96 15.91
N MET B 105 7.66 -3.63 15.37
CA MET B 105 6.73 -3.01 14.43
C MET B 105 6.00 -1.85 15.08
N PHE B 106 5.58 -2.06 16.33
CA PHE B 106 4.84 -1.03 17.06
C PHE B 106 5.72 0.23 17.22
N ASN B 107 6.96 0.01 17.60
CA ASN B 107 7.87 1.14 17.79
C ASN B 107 8.14 1.92 16.50
N LYS B 108 8.25 1.18 15.40
CA LYS B 108 8.56 1.77 14.09
C LYS B 108 7.31 2.37 13.44
N GLY B 109 6.14 1.99 13.94
CA GLY B 109 4.87 2.43 13.37
C GLY B 109 4.41 1.63 12.16
N ILE B 110 4.93 0.41 12.04
CA ILE B 110 4.48 -0.51 10.99
C ILE B 110 3.13 -1.13 11.36
N GLY B 111 2.12 -0.77 10.57
CA GLY B 111 0.79 -1.36 10.72
C GLY B 111 -0.04 -0.77 11.84
N THR B 112 0.49 0.27 12.51
CA THR B 112 -0.19 0.79 13.71
C THR B 112 -1.42 1.63 13.38
N LYS B 113 -1.69 1.88 12.10
CA LYS B 113 -2.99 2.45 11.68
C LYS B 113 -3.95 1.40 11.12
N LEU B 114 -3.59 0.13 11.24
CA LEU B 114 -4.40 -0.98 10.69
C LEU B 114 -4.95 -1.92 11.77
N SER B 115 -6.26 -2.17 11.73
CA SER B 115 -6.88 -3.07 12.72
C SER B 115 -6.21 -4.44 12.84
N LEU B 116 -5.79 -5.00 11.71
CA LEU B 116 -5.17 -6.32 11.68
C LEU B 116 -3.98 -6.42 12.63
N PHE B 117 -3.21 -5.34 12.72
CA PHE B 117 -2.07 -5.33 13.62
C PHE B 117 -2.49 -5.61 15.06
N TYR B 118 -3.44 -4.83 15.54
CA TYR B 118 -3.94 -5.00 16.91
C TYR B 118 -4.64 -6.34 17.12
N GLU B 119 -5.41 -6.80 16.14
CA GLU B 119 -6.09 -8.10 16.27
C GLU B 119 -5.09 -9.24 16.41
N GLU B 120 -4.04 -9.21 15.58
CA GLU B 120 -3.03 -10.27 15.60
C GLU B 120 -2.16 -10.23 16.86
N PHE B 121 -1.74 -9.03 17.26
CA PHE B 121 -0.90 -8.86 18.44
C PHE B 121 -1.73 -9.27 19.67
N SER B 122 -2.98 -8.83 19.71
CA SER B 122 -3.90 -9.23 20.78
C SER B 122 -4.06 -10.77 20.88
N LYS B 123 -4.21 -11.42 19.73
CA LYS B 123 -4.33 -12.88 19.69
C LYS B 123 -3.12 -13.57 20.29
N LEU B 124 -1.93 -13.09 19.95
CA LEU B 124 -0.70 -13.62 20.55
C LEU B 124 -0.75 -13.56 22.08
N LEU B 125 -1.09 -12.38 22.60
CA LEU B 125 -1.14 -12.18 24.05
C LEU B 125 -2.24 -13.03 24.68
N GLU B 126 -3.41 -13.08 24.04
CA GLU B 126 -4.52 -13.90 24.54
C GLU B 126 -4.11 -15.38 24.65
N ASN B 127 -3.49 -15.91 23.59
CA ASN B 127 -3.02 -17.31 23.58
C ASN B 127 -1.94 -17.62 24.62
N ALA B 128 -1.21 -16.58 25.04
CA ALA B 128 -0.20 -16.68 26.09
C ALA B 128 -0.76 -16.37 27.50
N GLN B 129 -2.07 -16.15 27.58
CA GLN B 129 -2.80 -15.89 28.84
C GLN B 129 -2.51 -14.54 29.48
N PHE B 130 -2.03 -13.60 28.67
CA PHE B 130 -1.97 -12.21 29.09
C PHE B 130 -3.29 -11.58 28.67
N PHE B 131 -4.34 -12.00 29.37
CA PHE B 131 -5.71 -11.78 28.91
C PHE B 131 -6.10 -10.31 28.88
N LEU B 132 -5.81 -9.60 29.96
CA LEU B 132 -6.27 -8.22 30.06
C LEU B 132 -5.39 -7.27 29.25
N GLU B 133 -4.10 -7.59 29.15
CA GLU B 133 -3.20 -6.86 28.25
C GLU B 133 -3.69 -6.96 26.81
N ALA B 134 -4.12 -8.16 26.41
CA ALA B 134 -4.66 -8.38 25.06
C ALA B 134 -5.89 -7.51 24.80
N LYS B 135 -6.74 -7.36 25.82
CA LYS B 135 -7.91 -6.49 25.69
C LYS B 135 -7.51 -5.03 25.48
N VAL B 136 -6.55 -4.55 26.28
CA VAL B 136 -6.05 -3.18 26.15
C VAL B 136 -5.50 -2.91 24.75
N LEU B 137 -4.84 -3.91 24.17
CA LEU B 137 -4.31 -3.76 22.80
C LEU B 137 -5.41 -3.48 21.79
N LEU B 138 -6.53 -4.17 21.91
CA LEU B 138 -7.65 -3.93 21.01
C LEU B 138 -8.20 -2.53 21.23
N GLU B 139 -8.35 -2.13 22.49
CA GLU B 139 -8.78 -0.77 22.82
C GLU B 139 -7.84 0.32 22.27
N LEU B 140 -6.54 0.05 22.30
CA LEU B 140 -5.55 0.97 21.81
C LEU B 140 -5.74 1.19 20.30
N GLY B 141 -5.99 0.09 19.59
CA GLY B 141 -6.26 0.15 18.15
C GLY B 141 -7.41 1.10 17.87
N ALA B 142 -8.51 0.91 18.59
CA ALA B 142 -9.71 1.75 18.42
C ALA B 142 -9.40 3.22 18.73
N GLU B 143 -8.66 3.46 19.82
CA GLU B 143 -8.28 4.80 20.21
C GLU B 143 -7.43 5.51 19.13
N ASN B 144 -6.63 4.73 18.40
CA ASN B 144 -5.79 5.27 17.33
C ASN B 144 -6.51 5.39 15.98
N ASN B 145 -7.82 5.10 15.98
CA ASN B 145 -8.65 5.17 14.78
C ASN B 145 -8.13 4.29 13.65
N CYS B 146 -7.78 3.05 13.98
N CYS B 146 -7.79 3.06 13.98
CA CYS B 146 -7.28 2.07 13.01
CA CYS B 146 -7.32 2.12 12.98
C CYS B 146 -8.38 1.57 12.08
C CYS B 146 -8.40 1.82 11.97
N ARG B 147 -8.01 1.20 10.85
CA ARG B 147 -8.98 0.76 9.83
C ARG B 147 -8.80 -0.72 9.46
N PRO B 148 -9.90 -1.48 9.18
CA PRO B 148 -11.32 -1.12 9.31
C PRO B 148 -11.77 -1.11 10.77
N TYR B 149 -12.41 -0.02 11.12
CA TYR B 149 -12.69 0.32 12.49
C TYR B 149 -13.79 -0.57 13.09
N ASN B 150 -14.90 -0.72 12.38
CA ASN B 150 -16.02 -1.50 12.93
C ASN B 150 -15.66 -2.96 13.15
N ARG B 151 -14.83 -3.51 12.26
CA ARG B 151 -14.37 -4.87 12.45
C ARG B 151 -13.54 -5.01 13.73
N LEU B 152 -12.66 -4.05 13.99
CA LEU B 152 -11.87 -4.06 15.23
C LEU B 152 -12.83 -4.04 16.44
N LEU B 153 -13.87 -3.24 16.36
CA LEU B 153 -14.85 -3.18 17.45
C LEU B 153 -15.55 -4.53 17.66
N ARG B 154 -15.90 -5.20 16.55
CA ARG B 154 -16.43 -6.57 16.62
C ARG B 154 -15.42 -7.54 17.24
N SER B 155 -14.15 -7.41 16.88
CA SER B 155 -13.12 -8.24 17.49
C SER B 155 -13.08 -8.04 19.01
N LEU B 156 -13.18 -6.79 19.42
CA LEU B 156 -13.17 -6.44 20.84
C LEU B 156 -14.38 -7.05 21.52
N SER B 157 -15.56 -6.89 20.92
CA SER B 157 -16.79 -7.44 21.52
C SER B 157 -16.74 -8.97 21.64
N ASN B 158 -16.25 -9.62 20.58
CA ASN B 158 -16.07 -11.08 20.61
C ASN B 158 -15.09 -11.50 21.70
N TYR B 159 -14.02 -10.72 21.89
CA TYR B 159 -13.05 -11.07 22.90
C TYR B 159 -13.65 -10.90 24.30
N GLU B 160 -14.38 -9.80 24.49
CA GLU B 160 -15.08 -9.57 25.75
C GLU B 160 -16.03 -10.73 26.07
N ASP B 161 -16.64 -11.31 25.03
CA ASP B 161 -17.47 -12.51 25.17
C ASP B 161 -16.65 -13.72 25.63
N ARG B 162 -15.46 -13.93 25.05
CA ARG B 162 -14.57 -15.02 25.46
C ARG B 162 -14.10 -14.84 26.90
N LEU B 163 -13.80 -13.60 27.30
CA LEU B 163 -13.38 -13.32 28.67
C LEU B 163 -14.49 -13.63 29.68
N ARG B 164 -15.73 -13.27 29.34
CA ARG B 164 -16.87 -13.56 30.20
C ARG B 164 -17.09 -15.07 30.39
N GLU B 165 -16.99 -15.83 29.31
CA GLU B 165 -17.05 -17.30 29.35
C GLU B 165 -16.01 -17.91 30.30
N MET B 166 -14.86 -17.26 30.41
CA MET B 166 -13.76 -17.74 31.22
C MET B 166 -13.76 -17.16 32.64
N ASN B 167 -14.84 -16.48 33.00
CA ASN B 167 -14.94 -15.74 34.26
C ASN B 167 -13.77 -14.80 34.52
N ILE B 168 -13.30 -14.14 33.45
CA ILE B 168 -12.24 -13.16 33.57
C ILE B 168 -12.86 -11.78 33.50
N VAL B 169 -12.66 -11.02 34.57
CA VAL B 169 -13.22 -9.68 34.72
C VAL B 169 -12.10 -8.72 35.05
N GLU B 170 -12.09 -7.59 34.34
CA GLU B 170 -11.06 -6.58 34.55
C GLU B 170 -11.26 -5.78 35.83
N ASN B 171 -10.21 -5.75 36.64
CA ASN B 171 -10.16 -5.00 37.88
C ASN B 171 -9.61 -3.60 37.62
N GLN B 172 -10.51 -2.61 37.69
CA GLN B 172 -10.16 -1.19 37.52
C GLN B 172 -9.09 -0.75 38.52
N ASN B 173 -9.07 -1.37 39.69
CA ASN B 173 -8.15 -0.99 40.76
C ASN B 173 -6.95 -1.91 40.92
N SER B 174 -6.67 -2.70 39.89
CA SER B 174 -5.44 -3.48 39.81
C SER B 174 -4.23 -2.56 39.92
N VAL B 175 -3.18 -3.00 40.61
CA VAL B 175 -1.92 -2.27 40.67
C VAL B 175 -0.76 -3.22 40.36
N PRO B 176 -0.06 -3.01 39.23
CA PRO B 176 -0.32 -2.03 38.16
C PRO B 176 -1.51 -2.46 37.34
N ASP B 177 -2.27 -1.52 36.77
CA ASP B 177 -3.47 -1.90 36.04
C ASP B 177 -3.15 -2.42 34.65
N SER B 178 -4.17 -2.87 33.94
CA SER B 178 -3.97 -3.56 32.65
C SER B 178 -3.22 -2.66 31.64
N ARG B 179 -3.56 -1.37 31.63
CA ARG B 179 -2.91 -0.42 30.71
C ARG B 179 -1.43 -0.23 31.06
N GLU B 180 -1.15 -0.08 32.35
CA GLU B 180 0.24 0.00 32.83
C GLU B 180 1.04 -1.25 32.52
N ARG B 181 0.41 -2.43 32.65
CA ARG B 181 1.09 -3.68 32.33
C ARG B 181 1.38 -3.74 30.83
N LEU B 182 0.39 -3.38 30.01
CA LEU B 182 0.63 -3.35 28.55
C LEU B 182 1.76 -2.38 28.22
N LYS B 183 1.71 -1.17 28.77
CA LYS B 183 2.79 -0.21 28.55
C LYS B 183 4.18 -0.78 28.88
N GLY B 184 4.29 -1.50 29.99
CA GLY B 184 5.53 -2.19 30.35
C GLY B 184 5.94 -3.23 29.30
N ARG B 185 4.97 -3.97 28.80
CA ARG B 185 5.24 -5.01 27.79
C ARG B 185 5.75 -4.39 26.49
N LEU B 186 5.32 -3.17 26.19
CA LEU B 186 5.61 -2.52 24.89
C LEU B 186 6.94 -1.76 24.81
N ILE B 187 7.63 -1.62 25.93
CA ILE B 187 8.90 -0.88 25.94
C ILE B 187 9.86 -1.58 24.96
N TYR B 188 10.36 -0.82 24.01
CA TYR B 188 11.19 -1.43 22.96
C TYR B 188 12.60 -1.68 23.48
N ARG B 189 13.02 -2.94 23.46
CA ARG B 189 14.32 -3.33 24.00
C ARG B 189 15.18 -4.19 23.07
N THR B 190 14.55 -5.10 22.32
CA THR B 190 15.28 -6.18 21.67
C THR B 190 14.94 -6.27 20.18
N ALA B 191 15.94 -6.15 19.32
CA ALA B 191 15.73 -6.28 17.88
C ALA B 191 15.26 -7.67 17.55
N PRO B 192 14.32 -7.80 16.60
CA PRO B 192 13.93 -9.11 16.08
C PRO B 192 15.20 -9.84 15.62
N PHE B 193 15.24 -11.14 15.86
CA PHE B 193 16.41 -11.97 15.56
C PHE B 193 16.91 -11.77 14.14
N PHE B 194 16.04 -11.89 13.14
CA PHE B 194 16.49 -11.77 11.74
C PHE B 194 17.10 -10.41 11.41
N ILE B 195 16.62 -9.36 12.08
CA ILE B 195 17.12 -8.03 11.88
C ILE B 195 18.49 -7.91 12.55
N ARG B 196 18.62 -8.42 13.78
CA ARG B 196 19.93 -8.41 14.46
C ARG B 196 20.97 -9.16 13.62
N LYS B 197 20.62 -10.34 13.12
CA LYS B 197 21.54 -11.13 12.28
C LYS B 197 21.90 -10.43 10.98
N PHE B 198 20.92 -9.80 10.32
CA PHE B 198 21.20 -9.06 9.09
C PHE B 198 22.22 -7.96 9.37
N LEU B 199 22.01 -7.24 10.46
CA LEU B 199 22.87 -6.12 10.80
C LEU B 199 24.28 -6.52 11.26
N THR B 200 24.39 -7.61 12.02
CA THR B 200 25.64 -7.88 12.75
C THR B 200 26.40 -9.12 12.34
N SER B 201 25.70 -10.11 11.79
CA SER B 201 26.32 -11.41 11.56
C SER B 201 26.78 -11.57 10.12
N SER B 202 28.01 -12.04 9.95
CA SER B 202 28.53 -12.39 8.64
C SER B 202 29.73 -13.32 8.80
#